data_3NVE
# 
_entry.id   3NVE 
# 
_audit_conform.dict_name       mmcif_pdbx.dic 
_audit_conform.dict_version    5.387 
_audit_conform.dict_location   http://mmcif.pdb.org/dictionaries/ascii/mmcif_pdbx.dic 
# 
loop_
_database_2.database_id 
_database_2.database_code 
_database_2.pdbx_database_accession 
_database_2.pdbx_DOI 
PDB   3NVE         pdb_00003nve 10.2210/pdb3nve/pdb 
RCSB  RCSB060326   ?            ?                   
WWPDB D_1000060326 ?            ?                   
# 
loop_
_pdbx_audit_revision_history.ordinal 
_pdbx_audit_revision_history.data_content_type 
_pdbx_audit_revision_history.major_revision 
_pdbx_audit_revision_history.minor_revision 
_pdbx_audit_revision_history.revision_date 
1 'Structure model' 1 0 2011-03-02 
2 'Structure model' 1 1 2011-07-13 
3 'Structure model' 1 2 2018-04-04 
4 'Structure model' 1 3 2024-02-21 
# 
_pdbx_audit_revision_details.ordinal             1 
_pdbx_audit_revision_details.revision_ordinal    1 
_pdbx_audit_revision_details.data_content_type   'Structure model' 
_pdbx_audit_revision_details.provider            repository 
_pdbx_audit_revision_details.type                'Initial release' 
_pdbx_audit_revision_details.description         ? 
_pdbx_audit_revision_details.details             ? 
# 
loop_
_pdbx_audit_revision_group.ordinal 
_pdbx_audit_revision_group.revision_ordinal 
_pdbx_audit_revision_group.data_content_type 
_pdbx_audit_revision_group.group 
1 2 'Structure model' 'Version format compliance' 
2 3 'Structure model' 'Data collection'           
3 4 'Structure model' 'Data collection'           
4 4 'Structure model' 'Database references'       
# 
loop_
_pdbx_audit_revision_category.ordinal 
_pdbx_audit_revision_category.revision_ordinal 
_pdbx_audit_revision_category.data_content_type 
_pdbx_audit_revision_category.category 
1 3 'Structure model' diffrn_source  
2 4 'Structure model' chem_comp_atom 
3 4 'Structure model' chem_comp_bond 
4 4 'Structure model' database_2     
# 
loop_
_pdbx_audit_revision_item.ordinal 
_pdbx_audit_revision_item.revision_ordinal 
_pdbx_audit_revision_item.data_content_type 
_pdbx_audit_revision_item.item 
1 3 'Structure model' '_diffrn_source.type'                 
2 4 'Structure model' '_database_2.pdbx_DOI'                
3 4 'Structure model' '_database_2.pdbx_database_accession' 
# 
_pdbx_database_status.entry_id                        3NVE 
_pdbx_database_status.status_code                     REL 
_pdbx_database_status.deposit_site                    RCSB 
_pdbx_database_status.process_site                    RCSB 
_pdbx_database_status.recvd_initial_deposition_date   2010-07-08 
_pdbx_database_status.status_code_sf                  REL 
_pdbx_database_status.status_code_mr                  ? 
_pdbx_database_status.SG_entry                        ? 
_pdbx_database_status.status_code_cs                  ? 
_pdbx_database_status.pdb_format_compatible           Y 
_pdbx_database_status.methods_development_category    ? 
_pdbx_database_status.status_code_nmr_data            ? 
# 
loop_
_pdbx_database_related.db_name 
_pdbx_database_related.db_id 
_pdbx_database_related.details 
_pdbx_database_related.content_type 
PDB 3NVF 'IIHFGS hexapeptide (residues 138-143) from human prion protein' unspecified 
PDB 3NVG 'MIHFGN hexapeptide (residues 137-142) from mouse prion protein' unspecified 
PDB 3NVH 'MIHFGND (residues 137-143) from mouse prion protein'            unspecified 
# 
loop_
_audit_author.name 
_audit_author.pdbx_ordinal 
'Apostol, M.I.' 1 
'Sawaya, M.R.'  2 
'Eisenberg, D.' 3 
# 
_citation.id                        primary 
_citation.title                     'Atomic structures suggest determinants of transmission barriers in Mammalian prion disease.' 
_citation.journal_abbrev            Biochemistry 
_citation.journal_volume            50 
_citation.page_first                2456 
_citation.page_last                 2463 
_citation.year                      2011 
_citation.journal_id_ASTM           BICHAW 
_citation.country                   US 
_citation.journal_id_ISSN           0006-2960 
_citation.journal_id_CSD            0033 
_citation.book_publisher            ? 
_citation.pdbx_database_id_PubMed   21323366 
_citation.pdbx_database_id_DOI      10.1021/bi101803k 
# 
loop_
_citation_author.citation_id 
_citation_author.name 
_citation_author.ordinal 
_citation_author.identifier_ORCID 
primary 'Apostol, M.I.'  1 ? 
primary 'Wiltzius, J.J.' 2 ? 
primary 'Sawaya, M.R.'   3 ? 
primary 'Cascio, D.'     4 ? 
primary 'Eisenberg, D.'  5 ? 
# 
loop_
_entity.id 
_entity.type 
_entity.src_method 
_entity.pdbx_description 
_entity.formula_weight 
_entity.pdbx_number_of_molecules 
_entity.pdbx_ec 
_entity.pdbx_mutation 
_entity.pdbx_fragment 
_entity.details 
1 polymer syn 'Major prion protein' 736.882 2 ? ? ? ? 
2 water   nat water                 18.015  3 ? ? ? ? 
# 
_entity_name_com.entity_id   1 
_entity_name_com.name        'PrP, PrP27-30, PrP33-35C' 
# 
_entity_poly.entity_id                      1 
_entity_poly.type                           'polypeptide(L)' 
_entity_poly.nstd_linkage                   no 
_entity_poly.nstd_monomer                   no 
_entity_poly.pdbx_seq_one_letter_code       MMHFGN 
_entity_poly.pdbx_seq_one_letter_code_can   MMHFGN 
_entity_poly.pdbx_strand_id                 A,B 
_entity_poly.pdbx_target_identifier         ? 
# 
_pdbx_entity_nonpoly.entity_id   2 
_pdbx_entity_nonpoly.name        water 
_pdbx_entity_nonpoly.comp_id     HOH 
# 
loop_
_entity_poly_seq.entity_id 
_entity_poly_seq.num 
_entity_poly_seq.mon_id 
_entity_poly_seq.hetero 
1 1 MET n 
1 2 MET n 
1 3 HIS n 
1 4 PHE n 
1 5 GLY n 
1 6 ASN n 
# 
_pdbx_entity_src_syn.entity_id              1 
_pdbx_entity_src_syn.pdbx_src_id            1 
_pdbx_entity_src_syn.pdbx_alt_source_flag   sample 
_pdbx_entity_src_syn.pdbx_beg_seq_num       ? 
_pdbx_entity_src_syn.pdbx_end_seq_num       ? 
_pdbx_entity_src_syn.organism_scientific    'Mesocricetus auratus' 
_pdbx_entity_src_syn.organism_common_name   'Golden hamster' 
_pdbx_entity_src_syn.ncbi_taxonomy_id       10036 
_pdbx_entity_src_syn.details                'MMHFGN (UNP residues 138-143) from Syrian hamster prion' 
# 
loop_
_chem_comp.id 
_chem_comp.type 
_chem_comp.mon_nstd_flag 
_chem_comp.name 
_chem_comp.pdbx_synonyms 
_chem_comp.formula 
_chem_comp.formula_weight 
ASN 'L-peptide linking' y ASPARAGINE    ? 'C4 H8 N2 O3'    132.118 
GLY 'peptide linking'   y GLYCINE       ? 'C2 H5 N O2'     75.067  
HIS 'L-peptide linking' y HISTIDINE     ? 'C6 H10 N3 O2 1' 156.162 
HOH non-polymer         . WATER         ? 'H2 O'           18.015  
MET 'L-peptide linking' y METHIONINE    ? 'C5 H11 N O2 S'  149.211 
PHE 'L-peptide linking' y PHENYLALANINE ? 'C9 H11 N O2'    165.189 
# 
loop_
_pdbx_poly_seq_scheme.asym_id 
_pdbx_poly_seq_scheme.entity_id 
_pdbx_poly_seq_scheme.seq_id 
_pdbx_poly_seq_scheme.mon_id 
_pdbx_poly_seq_scheme.ndb_seq_num 
_pdbx_poly_seq_scheme.pdb_seq_num 
_pdbx_poly_seq_scheme.auth_seq_num 
_pdbx_poly_seq_scheme.pdb_mon_id 
_pdbx_poly_seq_scheme.auth_mon_id 
_pdbx_poly_seq_scheme.pdb_strand_id 
_pdbx_poly_seq_scheme.pdb_ins_code 
_pdbx_poly_seq_scheme.hetero 
A 1 1 MET 1 1 1 MET MET A . n 
A 1 2 MET 2 2 2 MET MET A . n 
A 1 3 HIS 3 3 3 HIS HIS A . n 
A 1 4 PHE 4 4 4 PHE PHE A . n 
A 1 5 GLY 5 5 5 GLY GLY A . n 
A 1 6 ASN 6 6 6 ASN ASN A . n 
B 1 1 MET 1 1 1 MET MET B . n 
B 1 2 MET 2 2 2 MET MET B . n 
B 1 3 HIS 3 3 3 HIS HIS B . n 
B 1 4 PHE 4 4 4 PHE PHE B . n 
B 1 5 GLY 5 5 5 GLY GLY B . n 
B 1 6 ASN 6 6 6 ASN ASN B . n 
# 
loop_
_pdbx_nonpoly_scheme.asym_id 
_pdbx_nonpoly_scheme.entity_id 
_pdbx_nonpoly_scheme.mon_id 
_pdbx_nonpoly_scheme.ndb_seq_num 
_pdbx_nonpoly_scheme.pdb_seq_num 
_pdbx_nonpoly_scheme.auth_seq_num 
_pdbx_nonpoly_scheme.pdb_mon_id 
_pdbx_nonpoly_scheme.auth_mon_id 
_pdbx_nonpoly_scheme.pdb_strand_id 
_pdbx_nonpoly_scheme.pdb_ins_code 
C 2 HOH 1 7 1 HOH HOH A . 
C 2 HOH 2 8 2 HOH HOH A . 
C 2 HOH 3 9 3 HOH HOH A . 
# 
loop_
_software.pdbx_ordinal 
_software.name 
_software.version 
_software.date 
_software.type 
_software.contact_author 
_software.contact_author_email 
_software.classification 
_software.location 
_software.language 
_software.citation_id 
1 SCALEPACK   .     ?                          program 'Zbyszek Otwinowski' hkl@hkl-xray.com            'data scaling'    
http://www.hkl-xray.com/                     ?          ? 
2 PHASER      1.3.3 'Sun Mar 23 21:15:16 2008' program 'Randy J. Read'      cimr-phaser@lists.cam.ac.uk phasing           
http://www-structmed.cimr.cam.ac.uk/phaser/  ?          ? 
3 REFMAC      .     ?                          program 'Garib N. Murshudov' garib@ysbl.york.ac.uk       refinement        
http://www.ccp4.ac.uk/dist/html/refmac5.html Fortran_77 ? 
4 PDB_EXTRACT 3.10  'June 10, 2010'            package PDB                  deposit@deposit.rcsb.org    'data extraction' 
http://sw-tools.pdb.org/apps/PDB_EXTRACT/    C++        ? 
# 
_cell.length_a           9.513 
_cell.length_b           11.784 
_cell.length_c           36.541 
_cell.angle_alpha        90.000 
_cell.angle_beta         93.040 
_cell.angle_gamma        90.000 
_cell.entry_id           3NVE 
_cell.pdbx_unique_axis   ? 
_cell.Z_PDB              4 
_cell.length_a_esd       ? 
_cell.length_b_esd       ? 
_cell.length_c_esd       ? 
_cell.angle_alpha_esd    ? 
_cell.angle_beta_esd     ? 
_cell.angle_gamma_esd    ? 
# 
_symmetry.space_group_name_H-M             'P 1 21 1' 
_symmetry.entry_id                         3NVE 
_symmetry.Int_Tables_number                4 
_symmetry.pdbx_full_space_group_name_H-M   ? 
_symmetry.cell_setting                     ? 
_symmetry.space_group_name_Hall            ? 
# 
_exptl.crystals_number   1 
_exptl.entry_id          3NVE 
_exptl.method            'X-RAY DIFFRACTION' 
# 
_exptl_crystal.id                    1 
_exptl_crystal.density_Matthews      1.39 
_exptl_crystal.density_meas          ? 
_exptl_crystal.density_percent_sol   11.37 
_exptl_crystal.description           ? 
_exptl_crystal.F_000                 ? 
_exptl_crystal.preparation           ? 
# 
_exptl_crystal_grow.crystal_id      1 
_exptl_crystal_grow.method          'VAPOR DIFFUSION, HANGING DROP' 
_exptl_crystal_grow.pH              7.5 
_exptl_crystal_grow.temp            298 
_exptl_crystal_grow.pdbx_details    
'1.2 M Ammonium sulfate, 200 mM BisTris pH 7.5, vapor diffusion, hanging drop, temperature 298K' 
_exptl_crystal_grow.temp_details    ? 
_exptl_crystal_grow.pdbx_pH_range   ? 
# 
_diffrn.id                     1 
_diffrn.ambient_temp           100 
_diffrn.ambient_temp_details   ? 
_diffrn.crystal_id             1 
# 
_diffrn_detector.diffrn_id              1 
_diffrn_detector.detector               'IMAGE PLATE' 
_diffrn_detector.type                   'RIGAKU RAXIS IV++' 
_diffrn_detector.pdbx_collection_date   2008-01-01 
_diffrn_detector.details                ? 
# 
_diffrn_radiation.diffrn_id                        1 
_diffrn_radiation.pdbx_diffrn_protocol             'SINGLE WAVELENGTH' 
_diffrn_radiation.monochromator                    ? 
_diffrn_radiation.wavelength_id                    1 
_diffrn_radiation.pdbx_monochromatic_or_laue_m_l   M 
_diffrn_radiation.pdbx_scattering_type             x-ray 
# 
_diffrn_radiation_wavelength.id           1 
_diffrn_radiation_wavelength.wavelength   1.5418 
_diffrn_radiation_wavelength.wt           1.0 
# 
_diffrn_source.diffrn_id                   1 
_diffrn_source.source                      'ROTATING ANODE' 
_diffrn_source.type                        'RIGAKU FR-D' 
_diffrn_source.pdbx_wavelength_list        1.5418 
_diffrn_source.pdbx_wavelength             ? 
_diffrn_source.pdbx_synchrotron_site       ? 
_diffrn_source.pdbx_synchrotron_beamline   ? 
# 
_reflns.entry_id                     3NVE 
_reflns.d_resolution_high            1.700 
_reflns.d_resolution_low             80.000 
_reflns.number_obs                   939 
_reflns.pdbx_Rmerge_I_obs            0.162 
_reflns.pdbx_netI_over_sigmaI        15.900 
_reflns.pdbx_chi_squared             1.021 
_reflns.pdbx_redundancy              10.500 
_reflns.percent_possible_obs         97.200 
_reflns.observed_criterion_sigma_F   ? 
_reflns.observed_criterion_sigma_I   ? 
_reflns.number_all                   ? 
_reflns.pdbx_Rsym_value              ? 
_reflns.B_iso_Wilson_estimate        ? 
_reflns.R_free_details               ? 
_reflns.limit_h_max                  ? 
_reflns.limit_h_min                  ? 
_reflns.limit_k_max                  ? 
_reflns.limit_k_min                  ? 
_reflns.limit_l_max                  ? 
_reflns.limit_l_min                  ? 
_reflns.observed_criterion_F_max     ? 
_reflns.observed_criterion_F_min     ? 
_reflns.pdbx_scaling_rejects         ? 
_reflns.pdbx_diffrn_id               1 
_reflns.pdbx_ordinal                 1 
# 
loop_
_reflns_shell.d_res_high 
_reflns_shell.d_res_low 
_reflns_shell.number_measured_obs 
_reflns_shell.number_measured_all 
_reflns_shell.number_unique_obs 
_reflns_shell.Rmerge_I_obs 
_reflns_shell.meanI_over_sigI_obs 
_reflns_shell.pdbx_Rsym_value 
_reflns_shell.pdbx_chi_squared 
_reflns_shell.pdbx_redundancy 
_reflns_shell.percent_possible_obs 
_reflns_shell.number_unique_all 
_reflns_shell.percent_possible_all 
_reflns_shell.pdbx_diffrn_id 
_reflns_shell.pdbx_ordinal 
1.700 1.760  ? ? ? 0.150 ? ? 0.995 5.800  ? 73  88.000  ? 1  
1.760 1.830  ? ? ? 0.205 ? ? 1.010 8.800  ? 101 99.000  ? 2  
1.830 1.910  ? ? ? 0.156 ? ? 0.986 10.600 ? 94  91.300  ? 3  
1.910 2.020  ? ? ? 0.143 ? ? 0.987 11.300 ? 82  98.800  ? 4  
2.020 2.140  ? ? ? 0.157 ? ? 1.044 11.700 ? 94  100.000 ? 5  
2.140 2.310  ? ? ? 0.149 ? ? 1.001 11.500 ? 99  100.000 ? 6  
2.310 2.540  ? ? ? 0.159 ? ? 1.060 11.400 ? 93  95.900  ? 7  
2.540 2.910  ? ? ? 0.149 ? ? 0.998 11.400 ? 93  98.900  ? 8  
2.911 3.660  ? ? ? 0.167 ? ? 1.093 11.200 ? 105 100.000 ? 9  
3.662 80.000 ? ? ? 0.163 ? ? 1.000 10.700 ? 105 99.100  ? 10 
# 
_refine.entry_id                                 3NVE 
_refine.ls_d_res_high                            1.7000 
_refine.ls_d_res_low                             36.4900 
_refine.pdbx_ls_sigma_F                          0.000 
_refine.pdbx_data_cutoff_high_absF               ? 
_refine.pdbx_data_cutoff_low_absF                ? 
_refine.ls_percent_reflns_obs                    97.0900 
_refine.ls_number_reflns_obs                     935 
_refine.ls_number_reflns_all                     ? 
_refine.pdbx_ls_cross_valid_method               THROUGHOUT 
_refine.pdbx_R_Free_selection_details            RANDOM 
_refine.details                                  
'HYDROGENS HAVE BEEN ADDED IN THE RIDING POSITIONS U VALUES      : REFINED INDIVIDUALLY' 
_refine.ls_R_factor_all                          ? 
_refine.ls_R_factor_obs                          0.2060 
_refine.ls_R_factor_R_work                       0.1958 
_refine.ls_wR_factor_R_work                      0.2260 
_refine.ls_R_factor_R_free                       0.2688 
_refine.ls_wR_factor_R_free                      0.3382 
_refine.ls_percent_reflns_R_free                 14.9000 
_refine.ls_number_reflns_R_free                  139 
_refine.ls_R_factor_R_free_error                 ? 
_refine.B_iso_mean                               20.7686 
_refine.solvent_model_param_bsol                 ? 
_refine.solvent_model_param_ksol                 ? 
_refine.pdbx_isotropic_thermal_model             ? 
_refine.aniso_B[1][1]                            0.2500 
_refine.aniso_B[2][2]                            -0.1100 
_refine.aniso_B[3][3]                            -0.1500 
_refine.aniso_B[1][2]                            0.0000 
_refine.aniso_B[1][3]                            -0.1200 
_refine.aniso_B[2][3]                            0.0000 
_refine.correlation_coeff_Fo_to_Fc               0.9640 
_refine.correlation_coeff_Fo_to_Fc_free          0.9610 
_refine.overall_SU_R_Cruickshank_DPI             0.1837 
_refine.overall_SU_R_free                        0.1752 
_refine.pdbx_overall_ESU_R_Free                  0.1750 
_refine.overall_SU_ML                            0.1110 
_refine.overall_SU_B                             3.6920 
_refine.solvent_model_details                    MASK 
_refine.pdbx_solvent_vdw_probe_radii             1.4000 
_refine.pdbx_solvent_ion_probe_radii             0.8000 
_refine.pdbx_solvent_shrinkage_radii             0.8000 
_refine.ls_number_parameters                     ? 
_refine.ls_number_restraints                     ? 
_refine.pdbx_starting_model                      ? 
_refine.pdbx_method_to_determine_struct          'MOLECULAR REPLACEMENT' 
_refine.pdbx_stereochemistry_target_values       'MAXIMUM LIKELIHOOD' 
_refine.pdbx_stereochem_target_val_spec_case     ? 
_refine.overall_FOM_work_R_set                   0.7689 
_refine.B_iso_max                                39.510 
_refine.B_iso_min                                14.480 
_refine.occupancy_max                            1.000 
_refine.occupancy_min                            1.000 
_refine.pdbx_ls_sigma_I                          ? 
_refine.ls_redundancy_reflns_obs                 ? 
_refine.ls_R_factor_R_free_error_details         ? 
_refine.pdbx_data_cutoff_high_rms_absF           ? 
_refine.overall_FOM_free_R_set                   ? 
_refine.pdbx_overall_phase_error                 ? 
_refine.pdbx_refine_id                           'X-RAY DIFFRACTION' 
_refine.pdbx_overall_ESU_R                       ? 
_refine.pdbx_diffrn_id                           1 
_refine.pdbx_TLS_residual_ADP_flag               ? 
_refine.pdbx_overall_SU_R_free_Cruickshank_DPI   ? 
_refine.pdbx_overall_SU_R_Blow_DPI               ? 
_refine.pdbx_overall_SU_R_free_Blow_DPI          ? 
# 
_refine_hist.pdbx_refine_id                   'X-RAY DIFFRACTION' 
_refine_hist.cycle_id                         LAST 
_refine_hist.pdbx_number_atoms_protein        100 
_refine_hist.pdbx_number_atoms_nucleic_acid   0 
_refine_hist.pdbx_number_atoms_ligand         0 
_refine_hist.number_atoms_solvent             3 
_refine_hist.number_atoms_total               103 
_refine_hist.d_res_high                       1.7000 
_refine_hist.d_res_low                        36.4900 
# 
loop_
_refine_ls_restr.type 
_refine_ls_restr.number 
_refine_ls_restr.dev_ideal 
_refine_ls_restr.dev_ideal_target 
_refine_ls_restr.weight 
_refine_ls_restr.pdbx_refine_id 
_refine_ls_restr.pdbx_restraint_function 
r_bond_refined_d       102 0.024  0.020  ? 'X-RAY DIFFRACTION' ? 
r_bond_other_d         66  0.001  0.020  ? 'X-RAY DIFFRACTION' ? 
r_angle_refined_deg    132 1.904  1.871  ? 'X-RAY DIFFRACTION' ? 
r_angle_other_deg      158 0.948  3.000  ? 'X-RAY DIFFRACTION' ? 
r_dihedral_angle_1_deg 10  5.404  5.000  ? 'X-RAY DIFFRACTION' ? 
r_dihedral_angle_2_deg 6   41.636 23.333 ? 'X-RAY DIFFRACTION' ? 
r_dihedral_angle_3_deg 18  13.371 15.000 ? 'X-RAY DIFFRACTION' ? 
r_chiral_restr         10  0.085  0.200  ? 'X-RAY DIFFRACTION' ? 
r_gen_planes_refined   112 0.006  0.020  ? 'X-RAY DIFFRACTION' ? 
r_gen_planes_other     24  0.001  0.020  ? 'X-RAY DIFFRACTION' ? 
r_mcbond_it            58  1.100  1.500  ? 'X-RAY DIFFRACTION' ? 
r_mcbond_other         24  0.290  1.500  ? 'X-RAY DIFFRACTION' ? 
r_mcangle_it           88  2.024  2.000  ? 'X-RAY DIFFRACTION' ? 
r_scbond_it            44  3.550  3.000  ? 'X-RAY DIFFRACTION' ? 
r_scangle_it           44  4.721  4.500  ? 'X-RAY DIFFRACTION' ? 
# 
_refine_ls_shell.d_res_high                       1.7010 
_refine_ls_shell.d_res_low                        1.7450 
_refine_ls_shell.pdbx_total_number_of_bins_used   20 
_refine_ls_shell.percent_reflns_obs               85.7100 
_refine_ls_shell.number_reflns_R_work             45 
_refine_ls_shell.R_factor_all                     ? 
_refine_ls_shell.R_factor_R_work                  0.2910 
_refine_ls_shell.R_factor_R_free                  0.6010 
_refine_ls_shell.percent_reflns_R_free            ? 
_refine_ls_shell.number_reflns_R_free             9 
_refine_ls_shell.R_factor_R_free_error            ? 
_refine_ls_shell.number_reflns_all                54 
_refine_ls_shell.number_reflns_obs                ? 
_refine_ls_shell.redundancy_reflns_obs            ? 
_refine_ls_shell.pdbx_refine_id                   'X-RAY DIFFRACTION' 
# 
_struct.entry_id                  3NVE 
_struct.title                     'MMHFGN segment 138-143 from Syrian Hamster prion' 
_struct.pdbx_model_details        ? 
_struct.pdbx_CASP_flag            ? 
_struct.pdbx_model_type_details   ? 
# 
_struct_keywords.entry_id        3NVE 
_struct_keywords.text            'amyloid-like protofibril, PROTEIN FIBRIL' 
_struct_keywords.pdbx_keywords   'PROTEIN FIBRIL' 
# 
loop_
_struct_asym.id 
_struct_asym.pdbx_blank_PDB_chainid_flag 
_struct_asym.pdbx_modified 
_struct_asym.entity_id 
_struct_asym.details 
A N N 1 ? 
B N N 1 ? 
C N N 2 ? 
# 
_struct_ref.id                         1 
_struct_ref.db_name                    UNP 
_struct_ref.db_code                    PRIO_MESAU 
_struct_ref.pdbx_db_accession          P04273 
_struct_ref.entity_id                  1 
_struct_ref.pdbx_seq_one_letter_code   MMHFGN 
_struct_ref.pdbx_align_begin           138 
_struct_ref.pdbx_db_isoform            ? 
# 
loop_
_struct_ref_seq.align_id 
_struct_ref_seq.ref_id 
_struct_ref_seq.pdbx_PDB_id_code 
_struct_ref_seq.pdbx_strand_id 
_struct_ref_seq.seq_align_beg 
_struct_ref_seq.pdbx_seq_align_beg_ins_code 
_struct_ref_seq.seq_align_end 
_struct_ref_seq.pdbx_seq_align_end_ins_code 
_struct_ref_seq.pdbx_db_accession 
_struct_ref_seq.db_align_beg 
_struct_ref_seq.pdbx_db_align_beg_ins_code 
_struct_ref_seq.db_align_end 
_struct_ref_seq.pdbx_db_align_end_ins_code 
_struct_ref_seq.pdbx_auth_seq_align_beg 
_struct_ref_seq.pdbx_auth_seq_align_end 
1 1 3NVE A 1 ? 6 ? P04273 138 ? 143 ? 1 6 
2 1 3NVE B 1 ? 6 ? P04273 138 ? 143 ? 1 6 
# 
_pdbx_struct_assembly.id                   1 
_pdbx_struct_assembly.details              author_defined_assembly 
_pdbx_struct_assembly.method_details       ? 
_pdbx_struct_assembly.oligomeric_details   dodecameric 
_pdbx_struct_assembly.oligomeric_count     12 
# 
loop_
_pdbx_struct_assembly_prop.biol_id 
_pdbx_struct_assembly_prop.type 
_pdbx_struct_assembly_prop.value 
_pdbx_struct_assembly_prop.details 
1 'ABSA (A^2)' 430  ? 
1 MORE         -2   ? 
1 'SSA (A^2)'  1550 ? 
# 
_pdbx_struct_assembly_gen.assembly_id       1 
_pdbx_struct_assembly_gen.oper_expression   1,2,3,4,5,6 
_pdbx_struct_assembly_gen.asym_id_list      A,B,C 
# 
loop_
_pdbx_struct_oper_list.id 
_pdbx_struct_oper_list.type 
_pdbx_struct_oper_list.name 
_pdbx_struct_oper_list.symmetry_operation 
_pdbx_struct_oper_list.matrix[1][1] 
_pdbx_struct_oper_list.matrix[1][2] 
_pdbx_struct_oper_list.matrix[1][3] 
_pdbx_struct_oper_list.vector[1] 
_pdbx_struct_oper_list.matrix[2][1] 
_pdbx_struct_oper_list.matrix[2][2] 
_pdbx_struct_oper_list.matrix[2][3] 
_pdbx_struct_oper_list.vector[2] 
_pdbx_struct_oper_list.matrix[3][1] 
_pdbx_struct_oper_list.matrix[3][2] 
_pdbx_struct_oper_list.matrix[3][3] 
_pdbx_struct_oper_list.vector[3] 
1 'identity operation'         1_555 x,y,z     1.0000000000 0.0000000000 0.0000000000 0.0000000000  0.0000000000 1.0000000000 0.0000000000 0.0000000000  0.0000000000 0.0000000000 1.0000000000 0.0000000000  
2 'crystal symmetry operation' 1_655 x+1,y,z   1.0000000000 0.0000000000 0.0000000000 -3.4101959382 0.0000000000 1.0000000000 0.0000000000 -8.0348367454 0.0000000000 0.0000000000 1.0000000000 3.7827412199  
3 'crystal symmetry operation' 1_455 x-1,y,z   1.0000000000 0.0000000000 0.0000000000 3.4101959382  0.0000000000 1.0000000000 0.0000000000 8.0348367454  0.0000000000 0.0000000000 1.0000000000 -3.7827412199 
4 'crystal symmetry operation' 1_565 x,y+1,z   1.0000000000 0.0000000000 0.0000000000 -4.8504857715 0.0000000000 1.0000000000 0.0000000000 6.1902855314  0.0000000000 0.0000000000 1.0000000000 8.7758651323  
5 'crystal symmetry operation' 1_665 x+1,y+1,z 1.0000000000 0.0000000000 0.0000000000 -8.2606817097 0.0000000000 1.0000000000 0.0000000000 -1.8445512140 0.0000000000 0.0000000000 1.0000000000 12.5586063522 
6 'crystal symmetry operation' 1_465 x-1,y+1,z 1.0000000000 0.0000000000 0.0000000000 -1.4402898333 0.0000000000 1.0000000000 0.0000000000 14.2251222769 0.0000000000 0.0000000000 1.0000000000 4.9931239123 
# 
_struct_biol.id        1 
_struct_biol.details   ? 
# 
_struct_sheet.id               A 
_struct_sheet.type             ? 
_struct_sheet.number_strands   2 
_struct_sheet.details          ? 
# 
_struct_sheet_order.sheet_id     A 
_struct_sheet_order.range_id_1   1 
_struct_sheet_order.range_id_2   2 
_struct_sheet_order.offset       ? 
_struct_sheet_order.sense        anti-parallel 
# 
loop_
_struct_sheet_range.sheet_id 
_struct_sheet_range.id 
_struct_sheet_range.beg_label_comp_id 
_struct_sheet_range.beg_label_asym_id 
_struct_sheet_range.beg_label_seq_id 
_struct_sheet_range.pdbx_beg_PDB_ins_code 
_struct_sheet_range.end_label_comp_id 
_struct_sheet_range.end_label_asym_id 
_struct_sheet_range.end_label_seq_id 
_struct_sheet_range.pdbx_end_PDB_ins_code 
_struct_sheet_range.beg_auth_comp_id 
_struct_sheet_range.beg_auth_asym_id 
_struct_sheet_range.beg_auth_seq_id 
_struct_sheet_range.end_auth_comp_id 
_struct_sheet_range.end_auth_asym_id 
_struct_sheet_range.end_auth_seq_id 
A 1 MET A 2 ? PHE A 4 ? MET A 2 PHE A 4 
A 2 MET B 2 ? PHE B 4 ? MET B 2 PHE B 4 
# 
_pdbx_struct_sheet_hbond.sheet_id                A 
_pdbx_struct_sheet_hbond.range_id_1              1 
_pdbx_struct_sheet_hbond.range_id_2              2 
_pdbx_struct_sheet_hbond.range_1_label_atom_id   N 
_pdbx_struct_sheet_hbond.range_1_label_comp_id   HIS 
_pdbx_struct_sheet_hbond.range_1_label_asym_id   A 
_pdbx_struct_sheet_hbond.range_1_label_seq_id    3 
_pdbx_struct_sheet_hbond.range_1_PDB_ins_code    ? 
_pdbx_struct_sheet_hbond.range_1_auth_atom_id    N 
_pdbx_struct_sheet_hbond.range_1_auth_comp_id    HIS 
_pdbx_struct_sheet_hbond.range_1_auth_asym_id    A 
_pdbx_struct_sheet_hbond.range_1_auth_seq_id     3 
_pdbx_struct_sheet_hbond.range_2_label_atom_id   O 
_pdbx_struct_sheet_hbond.range_2_label_comp_id   HIS 
_pdbx_struct_sheet_hbond.range_2_label_asym_id   B 
_pdbx_struct_sheet_hbond.range_2_label_seq_id    3 
_pdbx_struct_sheet_hbond.range_2_PDB_ins_code    ? 
_pdbx_struct_sheet_hbond.range_2_auth_atom_id    O 
_pdbx_struct_sheet_hbond.range_2_auth_comp_id    HIS 
_pdbx_struct_sheet_hbond.range_2_auth_asym_id    B 
_pdbx_struct_sheet_hbond.range_2_auth_seq_id     3 
# 
_pdbx_phasing_MR.entry_id                     3NVE 
_pdbx_phasing_MR.method_rotation              ? 
_pdbx_phasing_MR.method_translation           ? 
_pdbx_phasing_MR.model_details                'Phaser MODE: MR_AUTO' 
_pdbx_phasing_MR.R_factor                     ? 
_pdbx_phasing_MR.R_rigid_body                 ? 
_pdbx_phasing_MR.correlation_coeff_Fo_to_Fc   ? 
_pdbx_phasing_MR.correlation_coeff_Io_to_Ic   ? 
_pdbx_phasing_MR.d_res_high_rotation          1.730 
_pdbx_phasing_MR.d_res_low_rotation           18.240 
_pdbx_phasing_MR.d_res_high_translation       1.730 
_pdbx_phasing_MR.d_res_low_translation        18.240 
_pdbx_phasing_MR.packing                      ? 
_pdbx_phasing_MR.reflns_percent_rotation      ? 
_pdbx_phasing_MR.reflns_percent_translation   ? 
_pdbx_phasing_MR.sigma_F_rotation             ? 
_pdbx_phasing_MR.sigma_F_translation          ? 
_pdbx_phasing_MR.sigma_I_rotation             ? 
_pdbx_phasing_MR.sigma_I_translation          ? 
# 
_phasing.method   MR 
# 
loop_
_chem_comp_atom.comp_id 
_chem_comp_atom.atom_id 
_chem_comp_atom.type_symbol 
_chem_comp_atom.pdbx_aromatic_flag 
_chem_comp_atom.pdbx_stereo_config 
_chem_comp_atom.pdbx_ordinal 
ASN N    N N N 1  
ASN CA   C N S 2  
ASN C    C N N 3  
ASN O    O N N 4  
ASN CB   C N N 5  
ASN CG   C N N 6  
ASN OD1  O N N 7  
ASN ND2  N N N 8  
ASN OXT  O N N 9  
ASN H    H N N 10 
ASN H2   H N N 11 
ASN HA   H N N 12 
ASN HB2  H N N 13 
ASN HB3  H N N 14 
ASN HD21 H N N 15 
ASN HD22 H N N 16 
ASN HXT  H N N 17 
GLY N    N N N 18 
GLY CA   C N N 19 
GLY C    C N N 20 
GLY O    O N N 21 
GLY OXT  O N N 22 
GLY H    H N N 23 
GLY H2   H N N 24 
GLY HA2  H N N 25 
GLY HA3  H N N 26 
GLY HXT  H N N 27 
HIS N    N N N 28 
HIS CA   C N S 29 
HIS C    C N N 30 
HIS O    O N N 31 
HIS CB   C N N 32 
HIS CG   C Y N 33 
HIS ND1  N Y N 34 
HIS CD2  C Y N 35 
HIS CE1  C Y N 36 
HIS NE2  N Y N 37 
HIS OXT  O N N 38 
HIS H    H N N 39 
HIS H2   H N N 40 
HIS HA   H N N 41 
HIS HB2  H N N 42 
HIS HB3  H N N 43 
HIS HD1  H N N 44 
HIS HD2  H N N 45 
HIS HE1  H N N 46 
HIS HE2  H N N 47 
HIS HXT  H N N 48 
HOH O    O N N 49 
HOH H1   H N N 50 
HOH H2   H N N 51 
MET N    N N N 52 
MET CA   C N S 53 
MET C    C N N 54 
MET O    O N N 55 
MET CB   C N N 56 
MET CG   C N N 57 
MET SD   S N N 58 
MET CE   C N N 59 
MET OXT  O N N 60 
MET H    H N N 61 
MET H2   H N N 62 
MET HA   H N N 63 
MET HB2  H N N 64 
MET HB3  H N N 65 
MET HG2  H N N 66 
MET HG3  H N N 67 
MET HE1  H N N 68 
MET HE2  H N N 69 
MET HE3  H N N 70 
MET HXT  H N N 71 
PHE N    N N N 72 
PHE CA   C N S 73 
PHE C    C N N 74 
PHE O    O N N 75 
PHE CB   C N N 76 
PHE CG   C Y N 77 
PHE CD1  C Y N 78 
PHE CD2  C Y N 79 
PHE CE1  C Y N 80 
PHE CE2  C Y N 81 
PHE CZ   C Y N 82 
PHE OXT  O N N 83 
PHE H    H N N 84 
PHE H2   H N N 85 
PHE HA   H N N 86 
PHE HB2  H N N 87 
PHE HB3  H N N 88 
PHE HD1  H N N 89 
PHE HD2  H N N 90 
PHE HE1  H N N 91 
PHE HE2  H N N 92 
PHE HZ   H N N 93 
PHE HXT  H N N 94 
# 
loop_
_chem_comp_bond.comp_id 
_chem_comp_bond.atom_id_1 
_chem_comp_bond.atom_id_2 
_chem_comp_bond.value_order 
_chem_comp_bond.pdbx_aromatic_flag 
_chem_comp_bond.pdbx_stereo_config 
_chem_comp_bond.pdbx_ordinal 
ASN N   CA   sing N N 1  
ASN N   H    sing N N 2  
ASN N   H2   sing N N 3  
ASN CA  C    sing N N 4  
ASN CA  CB   sing N N 5  
ASN CA  HA   sing N N 6  
ASN C   O    doub N N 7  
ASN C   OXT  sing N N 8  
ASN CB  CG   sing N N 9  
ASN CB  HB2  sing N N 10 
ASN CB  HB3  sing N N 11 
ASN CG  OD1  doub N N 12 
ASN CG  ND2  sing N N 13 
ASN ND2 HD21 sing N N 14 
ASN ND2 HD22 sing N N 15 
ASN OXT HXT  sing N N 16 
GLY N   CA   sing N N 17 
GLY N   H    sing N N 18 
GLY N   H2   sing N N 19 
GLY CA  C    sing N N 20 
GLY CA  HA2  sing N N 21 
GLY CA  HA3  sing N N 22 
GLY C   O    doub N N 23 
GLY C   OXT  sing N N 24 
GLY OXT HXT  sing N N 25 
HIS N   CA   sing N N 26 
HIS N   H    sing N N 27 
HIS N   H2   sing N N 28 
HIS CA  C    sing N N 29 
HIS CA  CB   sing N N 30 
HIS CA  HA   sing N N 31 
HIS C   O    doub N N 32 
HIS C   OXT  sing N N 33 
HIS CB  CG   sing N N 34 
HIS CB  HB2  sing N N 35 
HIS CB  HB3  sing N N 36 
HIS CG  ND1  sing Y N 37 
HIS CG  CD2  doub Y N 38 
HIS ND1 CE1  doub Y N 39 
HIS ND1 HD1  sing N N 40 
HIS CD2 NE2  sing Y N 41 
HIS CD2 HD2  sing N N 42 
HIS CE1 NE2  sing Y N 43 
HIS CE1 HE1  sing N N 44 
HIS NE2 HE2  sing N N 45 
HIS OXT HXT  sing N N 46 
HOH O   H1   sing N N 47 
HOH O   H2   sing N N 48 
MET N   CA   sing N N 49 
MET N   H    sing N N 50 
MET N   H2   sing N N 51 
MET CA  C    sing N N 52 
MET CA  CB   sing N N 53 
MET CA  HA   sing N N 54 
MET C   O    doub N N 55 
MET C   OXT  sing N N 56 
MET CB  CG   sing N N 57 
MET CB  HB2  sing N N 58 
MET CB  HB3  sing N N 59 
MET CG  SD   sing N N 60 
MET CG  HG2  sing N N 61 
MET CG  HG3  sing N N 62 
MET SD  CE   sing N N 63 
MET CE  HE1  sing N N 64 
MET CE  HE2  sing N N 65 
MET CE  HE3  sing N N 66 
MET OXT HXT  sing N N 67 
PHE N   CA   sing N N 68 
PHE N   H    sing N N 69 
PHE N   H2   sing N N 70 
PHE CA  C    sing N N 71 
PHE CA  CB   sing N N 72 
PHE CA  HA   sing N N 73 
PHE C   O    doub N N 74 
PHE C   OXT  sing N N 75 
PHE CB  CG   sing N N 76 
PHE CB  HB2  sing N N 77 
PHE CB  HB3  sing N N 78 
PHE CG  CD1  doub Y N 79 
PHE CG  CD2  sing Y N 80 
PHE CD1 CE1  sing Y N 81 
PHE CD1 HD1  sing N N 82 
PHE CD2 CE2  doub Y N 83 
PHE CD2 HD2  sing N N 84 
PHE CE1 CZ   doub Y N 85 
PHE CE1 HE1  sing N N 86 
PHE CE2 CZ   sing Y N 87 
PHE CE2 HE2  sing N N 88 
PHE CZ  HZ   sing N N 89 
PHE OXT HXT  sing N N 90 
# 
_atom_sites.entry_id                    3NVE 
_atom_sites.fract_transf_matrix[1][1]   -0.04236829 
_atom_sites.fract_transf_matrix[1][2]   -0.08820763 
_atom_sites.fract_transf_matrix[1][3]   0.03880228 
_atom_sites.fract_transf_matrix[2][1]   -0.03493017 
_atom_sites.fract_transf_matrix[2][2]   0.04457857 
_atom_sites.fract_transf_matrix[2][3]   0.06319829 
_atom_sites.fract_transf_matrix[3][1]   -0.02296248 
_atom_sites.fract_transf_matrix[3][2]   0.00283075 
_atom_sites.fract_transf_matrix[3][3]   -0.01468828 
_atom_sites.fract_transf_vector[1]      0.268281 
_atom_sites.fract_transf_vector[2]      -0.319990 
_atom_sites.fract_transf_vector[3]      0.256161 
# 
loop_
_atom_type.symbol 
C 
N 
O 
S 
# 
loop_
_atom_site.group_PDB 
_atom_site.id 
_atom_site.type_symbol 
_atom_site.label_atom_id 
_atom_site.label_alt_id 
_atom_site.label_comp_id 
_atom_site.label_asym_id 
_atom_site.label_entity_id 
_atom_site.label_seq_id 
_atom_site.pdbx_PDB_ins_code 
_atom_site.Cartn_x 
_atom_site.Cartn_y 
_atom_site.Cartn_z 
_atom_site.occupancy 
_atom_site.B_iso_or_equiv 
_atom_site.pdbx_formal_charge 
_atom_site.auth_seq_id 
_atom_site.auth_comp_id 
_atom_site.auth_asym_id 
_atom_site.auth_atom_id 
_atom_site.pdbx_PDB_model_num 
ATOM   1   N N   . MET A 1 1 ? -7.504 -0.307 -2.769 1.00 21.80 ? 1 MET A N   1 
ATOM   2   C CA  . MET A 1 1 ? -6.538 -1.234 -2.115 1.00 22.33 ? 1 MET A CA  1 
ATOM   3   C C   . MET A 1 1 ? -5.487 -0.471 -1.241 1.00 20.39 ? 1 MET A C   1 
ATOM   4   O O   . MET A 1 1 ? -5.066 0.628  -1.603 1.00 19.49 ? 1 MET A O   1 
ATOM   5   C CB  . MET A 1 1 ? -5.931 -2.071 -3.228 1.00 23.74 ? 1 MET A CB  1 
ATOM   6   C CG  . MET A 1 1 ? -4.735 -2.890 -2.914 1.00 28.51 ? 1 MET A CG  1 
ATOM   7   S SD  . MET A 1 1 ? -3.240 -1.964 -3.329 1.00 39.51 ? 1 MET A SD  1 
ATOM   8   C CE  . MET A 1 1 ? -3.492 -1.646 -5.127 1.00 37.68 ? 1 MET A CE  1 
ATOM   9   N N   . MET A 1 2 ? -5.085 -1.086 -0.122 1.00 18.89 ? 2 MET A N   1 
ATOM   10  C CA  . MET A 1 2 ? -4.047 -0.570 0.782  1.00 18.50 ? 2 MET A CA  1 
ATOM   11  C C   . MET A 1 2 ? -2.987 -1.611 1.086  1.00 17.59 ? 2 MET A C   1 
ATOM   12  O O   . MET A 1 2 ? -3.267 -2.643 1.609  1.00 17.11 ? 2 MET A O   1 
ATOM   13  C CB  . MET A 1 2 ? -4.652 -0.061 2.052  1.00 18.40 ? 2 MET A CB  1 
ATOM   14  C CG  . MET A 1 2 ? -5.364 1.200  1.811  1.00 21.52 ? 2 MET A CG  1 
ATOM   15  S SD  . MET A 1 2 ? -6.203 2.008  3.153  1.00 28.18 ? 2 MET A SD  1 
ATOM   16  C CE  . MET A 1 2 ? -4.910 3.049  3.896  1.00 21.49 ? 2 MET A CE  1 
ATOM   17  N N   . HIS A 1 3 ? -1.762 -1.358 0.659  1.00 16.61 ? 3 HIS A N   1 
ATOM   18  C CA  . HIS A 1 3 ? -0.654 -2.243 0.943  1.00 15.97 ? 3 HIS A CA  1 
ATOM   19  C C   . HIS A 1 3 ? 0.423  -1.572 1.784  1.00 16.09 ? 3 HIS A C   1 
ATOM   20  O O   . HIS A 1 3 ? 0.913  -0.478 1.491  1.00 14.85 ? 3 HIS A O   1 
ATOM   21  C CB  . HIS A 1 3 ? -0.063 -2.778 -0.306 1.00 16.40 ? 3 HIS A CB  1 
ATOM   22  C CG  . HIS A 1 3 ? 0.999  -3.803 -0.078 1.00 17.45 ? 3 HIS A CG  1 
ATOM   23  N ND1 . HIS A 1 3 ? 0.790  -5.149 -0.290 1.00 21.08 ? 3 HIS A ND1 1 
ATOM   24  C CD2 . HIS A 1 3 ? 2.284  -3.690 0.348  1.00 21.64 ? 3 HIS A CD2 1 
ATOM   25  C CE1 . HIS A 1 3 ? 1.890  -5.816 0.005  1.00 19.28 ? 3 HIS A CE1 1 
ATOM   26  N NE2 . HIS A 1 3 ? 2.813  -4.956 0.381  1.00 20.77 ? 3 HIS A NE2 1 
ATOM   27  N N   . PHE A 1 4 ? 0.748  -2.271 2.852  1.00 15.87 ? 4 PHE A N   1 
ATOM   28  C CA  . PHE A 1 4 ? 1.791  -1.909 3.798  1.00 16.37 ? 4 PHE A CA  1 
ATOM   29  C C   . PHE A 1 4 ? 2.924  -2.940 3.858  1.00 16.59 ? 4 PHE A C   1 
ATOM   30  O O   . PHE A 1 4 ? 2.700  -4.053 4.258  1.00 15.72 ? 4 PHE A O   1 
ATOM   31  C CB  . PHE A 1 4 ? 1.209  -1.770 5.202  1.00 16.30 ? 4 PHE A CB  1 
ATOM   32  C CG  . PHE A 1 4 ? 0.080  -0.808 5.319  1.00 17.12 ? 4 PHE A CG  1 
ATOM   33  C CD1 . PHE A 1 4 ? 0.299  0.509  5.820  1.00 18.76 ? 4 PHE A CD1 1 
ATOM   34  C CD2 . PHE A 1 4 ? -1.240 -1.236 4.968  1.00 19.10 ? 4 PHE A CD2 1 
ATOM   35  C CE1 . PHE A 1 4 ? -0.763 1.381  5.935  1.00 20.64 ? 4 PHE A CE1 1 
ATOM   36  C CE2 . PHE A 1 4 ? -2.340 -0.369 5.097  1.00 18.35 ? 4 PHE A CE2 1 
ATOM   37  C CZ  . PHE A 1 4 ? -2.115 0.929  5.575  1.00 19.58 ? 4 PHE A CZ  1 
ATOM   38  N N   . GLY A 1 5 ? 4.120  -2.539 3.466  1.00 16.66 ? 5 GLY A N   1 
ATOM   39  C CA  . GLY A 1 5 ? 5.265  -3.427 3.375  1.00 17.73 ? 5 GLY A CA  1 
ATOM   40  C C   . GLY A 1 5 ? 6.624  -2.866 3.795  1.00 20.20 ? 5 GLY A C   1 
ATOM   41  O O   . GLY A 1 5 ? 6.741  -1.739 4.245  1.00 19.72 ? 5 GLY A O   1 
ATOM   42  N N   . ASN A 1 6 ? 7.665  -3.681 3.603  1.00 22.64 ? 6 ASN A N   1 
ATOM   43  C CA  . ASN A 1 6 ? 9.083  -3.322 3.844  1.00 23.49 ? 6 ASN A CA  1 
ATOM   44  C C   . ASN A 1 6 ? 9.707  -2.556 2.707  1.00 24.41 ? 6 ASN A C   1 
ATOM   45  O O   . ASN A 1 6 ? 9.142  -2.561 1.593  1.00 24.71 ? 6 ASN A O   1 
ATOM   46  C CB  . ASN A 1 6 ? 9.879  -4.593 4.046  1.00 23.76 ? 6 ASN A CB  1 
ATOM   47  C CG  . ASN A 1 6 ? 9.424  -5.343 5.295  1.00 26.09 ? 6 ASN A CG  1 
ATOM   48  O OD1 . ASN A 1 6 ? 9.121  -4.689 6.305  1.00 29.48 ? 6 ASN A OD1 1 
ATOM   49  N ND2 . ASN A 1 6 ? 9.376  -6.701 5.242  1.00 20.92 ? 6 ASN A ND2 1 
ATOM   50  O OXT . ASN A 1 6 ? 10.778 -1.951 2.883  1.00 24.80 ? 6 ASN A OXT 1 
ATOM   51  N N   . MET B 1 1 ? 7.262  0.827  3.199  1.00 17.03 ? 1 MET B N   1 
ATOM   52  C CA  . MET B 1 1 ? 6.600  1.247  1.939  1.00 16.95 ? 1 MET B CA  1 
ATOM   53  C C   . MET B 1 1 ? 5.099  1.185  2.163  1.00 16.15 ? 1 MET B C   1 
ATOM   54  O O   . MET B 1 1 ? 4.588  0.312  2.888  1.00 14.74 ? 1 MET B O   1 
ATOM   55  C CB  . MET B 1 1 ? 7.042  0.318  0.845  1.00 18.02 ? 1 MET B CB  1 
ATOM   56  C CG  . MET B 1 1 ? 6.508  0.515  -0.512 1.00 20.45 ? 1 MET B CG  1 
ATOM   57  S SD  . MET B 1 1 ? 4.821  -0.057 -0.843 1.00 27.43 ? 1 MET B SD  1 
ATOM   58  C CE  . MET B 1 1 ? 4.807  -1.688 -0.194 1.00 24.12 ? 1 MET B CE  1 
ATOM   59  N N   . MET B 1 2 ? 4.368  2.105  1.552  1.00 15.20 ? 2 MET B N   1 
ATOM   60  C CA  . MET B 1 2 ? 2.866  2.032  1.582  1.00 16.42 ? 2 MET B CA  1 
ATOM   61  C C   . MET B 1 2 ? 2.362  2.420  0.206  1.00 15.74 ? 2 MET B C   1 
ATOM   62  O O   . MET B 1 2 ? 2.861  3.385  -0.412 1.00 16.15 ? 2 MET B O   1 
ATOM   63  C CB  . MET B 1 2 ? 2.244  2.968  2.606  1.00 15.88 ? 2 MET B CB  1 
ATOM   64  C CG  . MET B 1 2 ? 2.704  2.781  4.007  1.00 20.39 ? 2 MET B CG  1 
ATOM   65  S SD  . MET B 1 2 ? 2.064  3.994  5.172  1.00 24.35 ? 2 MET B SD  1 
ATOM   66  C CE  . MET B 1 2 ? 2.924  5.489  4.685  1.00 17.45 ? 2 MET B CE  1 
ATOM   67  N N   . HIS B 1 3 ? 1.425  1.637  -0.281 1.00 16.05 ? 3 HIS B N   1 
ATOM   68  C CA  . HIS B 1 3 ? 0.731  1.939  -1.513 1.00 15.06 ? 3 HIS B CA  1 
ATOM   69  C C   . HIS B 1 3 ? -0.762 1.931  -1.276 1.00 16.16 ? 3 HIS B C   1 
ATOM   70  O O   . HIS B 1 3 ? -1.327 0.887  -0.969 1.00 14.48 ? 3 HIS B O   1 
ATOM   71  C CB  . HIS B 1 3 ? 1.076  0.934  -2.551 1.00 15.34 ? 3 HIS B CB  1 
ATOM   72  C CG  . HIS B 1 3 ? 0.645  1.317  -3.939 1.00 18.00 ? 3 HIS B CG  1 
ATOM   73  N ND1 . HIS B 1 3 ? 1.441  2.044  -4.801 1.00 18.92 ? 3 HIS B ND1 1 
ATOM   74  C CD2 . HIS B 1 3 ? -0.508 1.075  -4.620 1.00 21.04 ? 3 HIS B CD2 1 
ATOM   75  C CE1 . HIS B 1 3 ? 0.808  2.216  -5.946 1.00 19.53 ? 3 HIS B CE1 1 
ATOM   76  N NE2 . HIS B 1 3 ? -0.379 1.652  -5.861 1.00 17.52 ? 3 HIS B NE2 1 
ATOM   77  N N   . PHE B 1 4 ? -1.389 3.106  -1.415 1.00 16.19 ? 4 PHE B N   1 
ATOM   78  C CA  . PHE B 1 4 ? -2.857 3.242  -1.398 1.00 17.33 ? 4 PHE B CA  1 
ATOM   79  C C   . PHE B 1 4 ? -3.372 3.555  -2.786 1.00 18.60 ? 4 PHE B C   1 
ATOM   80  O O   . PHE B 1 4 ? -3.013 4.595  -3.408 1.00 17.63 ? 4 PHE B O   1 
ATOM   81  C CB  . PHE B 1 4 ? -3.313 4.290  -0.428 1.00 17.37 ? 4 PHE B CB  1 
ATOM   82  C CG  . PHE B 1 4 ? -2.667 4.219  0.917  1.00 20.96 ? 4 PHE B CG  1 
ATOM   83  C CD1 . PHE B 1 4 ? -2.183 3.022  1.434  1.00 21.80 ? 4 PHE B CD1 1 
ATOM   84  C CD2 . PHE B 1 4 ? -2.502 5.374  1.671  1.00 24.07 ? 4 PHE B CD2 1 
ATOM   85  C CE1 . PHE B 1 4 ? -1.547 2.983  2.669  1.00 23.14 ? 4 PHE B CE1 1 
ATOM   86  C CE2 . PHE B 1 4 ? -1.874 5.328  2.941  1.00 23.90 ? 4 PHE B CE2 1 
ATOM   87  C CZ  . PHE B 1 4 ? -1.420 4.150  3.427  1.00 22.78 ? 4 PHE B CZ  1 
ATOM   88  N N   . GLY B 1 5 ? -4.157 2.637  -3.322 1.00 20.53 ? 5 GLY B N   1 
ATOM   89  C CA  . GLY B 1 5 ? -4.592 2.775  -4.719 1.00 21.89 ? 5 GLY B CA  1 
ATOM   90  C C   . GLY B 1 5 ? -5.910 2.157  -4.991 1.00 22.37 ? 5 GLY B C   1 
ATOM   91  O O   . GLY B 1 5 ? -6.592 1.862  -4.074 1.00 21.14 ? 5 GLY B O   1 
ATOM   92  N N   . ASN B 1 6 ? -6.318 2.050  -6.249 1.00 24.66 ? 6 ASN B N   1 
ATOM   93  C CA  . ASN B 1 6 ? -7.648 1.470  -6.517 1.00 26.26 ? 6 ASN B CA  1 
ATOM   94  C C   . ASN B 1 6 ? -7.413 0.058  -7.004 1.00 26.96 ? 6 ASN B C   1 
ATOM   95  O O   . ASN B 1 6 ? -6.318 -0.338 -7.384 1.00 29.48 ? 6 ASN B O   1 
ATOM   96  C CB  . ASN B 1 6 ? -8.497 2.295  -7.509 1.00 26.51 ? 6 ASN B CB  1 
ATOM   97  C CG  . ASN B 1 6 ? -8.839 3.700  -7.009 1.00 28.09 ? 6 ASN B CG  1 
ATOM   98  O OD1 . ASN B 1 6 ? -9.607 3.925  -6.026 1.00 27.89 ? 6 ASN B OD1 1 
ATOM   99  N ND2 . ASN B 1 6 ? -8.236 4.688  -7.699 1.00 28.92 ? 6 ASN B ND2 1 
ATOM   100 O OXT . ASN B 1 6 ? -8.303 -0.738 -6.987 1.00 28.48 ? 6 ASN B OXT 1 
HETATM 101 O O   . HOH C 2 . ? 9.992  -1.028 -0.695 1.00 24.35 ? 7 HOH A O   1 
HETATM 102 O O   . HOH C 2 . ? 5.340  -5.654 0.752  1.00 19.66 ? 8 HOH A O   1 
HETATM 103 O O   . HOH C 2 . ? 6.929  -6.544 3.002  1.00 25.36 ? 9 HOH A O   1 
# 
